data_2M93
#
_entry.id   2M93
#
_entity_poly.entity_id   1
_entity_poly.type   'polydeoxyribonucleotide'
_entity_poly.pdbx_seq_one_letter_code
;(DT)(DT)(DG)(DG)(DG)(DT)(DG)(DG)(DG)(DC)(DG)(DC)(DG)(DA)(DA)(DG)(DC)(DA)(DT)(DT)
(DC)(DG)(DC)(DG)(DG)(DG)(DG)(DT)(DG)(DG)(DG)(DT)
;
_entity_poly.pdbx_strand_id   A
#